data_5NIQ
#
_entry.id   5NIQ
#
loop_
_entity.id
_entity.type
_entity.pdbx_description
1 polymer Exendin-4
2 non-polymer 'N-hexadecanoyl-L-glutamic acid'
#
_entity_poly.entity_id   1
_entity_poly.type   'polypeptide(L)'
_entity_poly.pdbx_seq_one_letter_code
;H(DSN)QGTFTSDLSKQKDSRRAQDFIEWLKNGGPSSGAPPPS(NH2)
;
_entity_poly.pdbx_strand_id   A
#
# COMPACT_ATOMS: atom_id res chain seq x y z
N HIS A 1 -24.20 -0.40 -14.41
CA HIS A 1 -24.08 -0.15 -15.86
C HIS A 1 -23.13 1.00 -16.02
N GLN A 3 -19.11 2.68 -16.47
CA GLN A 3 -17.89 2.39 -15.73
C GLN A 3 -17.25 1.09 -16.20
N GLY A 4 -16.04 0.74 -15.72
CA GLY A 4 -15.42 -0.51 -16.16
C GLY A 4 -14.21 -0.88 -15.34
N THR A 5 -13.50 -1.98 -15.70
CA THR A 5 -12.30 -2.36 -14.95
C THR A 5 -12.50 -2.30 -13.46
N PHE A 6 -13.62 -2.86 -12.95
CA PHE A 6 -13.91 -2.78 -11.52
C PHE A 6 -12.73 -3.17 -10.65
N THR A 7 -12.06 -4.31 -10.94
CA THR A 7 -10.92 -4.70 -10.11
C THR A 7 -9.85 -3.64 -10.09
N SER A 8 -9.66 -2.86 -11.19
CA SER A 8 -8.65 -1.80 -11.16
C SER A 8 -9.17 -0.67 -10.29
N ASP A 9 -10.45 -0.28 -10.42
CA ASP A 9 -10.94 0.86 -9.63
C ASP A 9 -10.93 0.52 -8.14
N LEU A 10 -10.97 -0.77 -7.74
CA LEU A 10 -10.64 -1.09 -6.34
C LEU A 10 -9.13 -1.09 -6.16
N SER A 11 -8.36 -1.71 -7.07
CA SER A 11 -6.92 -1.79 -6.88
C SER A 11 -6.34 -0.41 -6.65
N LYS A 12 -6.74 0.64 -7.40
CA LYS A 12 -6.17 1.97 -7.13
C LYS A 12 -6.37 2.37 -5.68
N GLN A 13 -7.52 2.03 -5.06
CA GLN A 13 -7.75 2.44 -3.67
C GLN A 13 -6.87 1.63 -2.76
N LYS A 14 -6.77 0.29 -2.98
CA LYS A 14 -5.88 -0.52 -2.16
C LYS A 14 -4.44 -0.14 -2.41
N ASP A 15 -4.09 0.27 -3.66
CA ASP A 15 -2.72 0.68 -3.96
C ASP A 15 -2.46 2.01 -3.31
N SER A 16 -3.40 2.98 -3.31
CA SER A 16 -3.11 4.23 -2.62
C SER A 16 -2.81 3.92 -1.17
N ARG A 17 -3.65 3.10 -0.51
CA ARG A 17 -3.39 2.74 0.88
C ARG A 17 -2.09 1.97 1.01
N ARG A 18 -1.94 0.82 0.32
CA ARG A 18 -0.73 0.00 0.48
C ARG A 18 0.50 0.80 0.10
N ALA A 19 0.42 1.60 -0.98
CA ALA A 19 1.56 2.43 -1.37
C ALA A 19 1.82 3.45 -0.29
N GLN A 20 0.82 4.21 0.19
CA GLN A 20 1.08 5.14 1.30
C GLN A 20 1.61 4.40 2.51
N ASP A 21 1.15 3.16 2.76
CA ASP A 21 1.65 2.37 3.90
C ASP A 21 3.10 2.00 3.65
N PHE A 22 3.42 1.57 2.43
CA PHE A 22 4.81 1.20 2.08
C PHE A 22 5.71 2.42 2.07
N ILE A 23 5.27 3.54 1.47
CA ILE A 23 6.04 4.78 1.59
C ILE A 23 6.13 5.13 3.06
N GLU A 24 5.07 4.94 3.89
CA GLU A 24 5.22 5.25 5.31
C GLU A 24 6.34 4.39 5.85
N TRP A 25 6.31 3.07 5.58
CA TRP A 25 7.34 2.19 6.13
C TRP A 25 8.73 2.60 5.66
N LEU A 26 8.95 2.88 4.36
CA LEU A 26 10.27 3.35 3.93
C LEU A 26 10.58 4.71 4.53
N LYS A 27 9.69 5.71 4.40
CA LYS A 27 9.90 7.03 5.03
C LYS A 27 10.25 6.86 6.50
N ASN A 28 9.49 6.00 7.19
CA ASN A 28 9.65 5.81 8.63
C ASN A 28 10.95 5.09 8.91
N GLY A 29 11.35 4.13 8.04
CA GLY A 29 12.62 3.42 8.27
C GLY A 29 12.95 2.39 7.22
N GLY A 30 11.98 1.57 6.74
CA GLY A 30 12.29 0.54 5.76
C GLY A 30 12.86 -0.66 6.47
N PRO A 31 13.73 -1.52 5.88
CA PRO A 31 14.32 -2.59 6.68
C PRO A 31 14.89 -2.10 8.00
N SER A 32 15.49 -0.90 8.03
CA SER A 32 16.02 -0.37 9.28
C SER A 32 14.93 -0.10 10.30
N SER A 33 13.66 0.13 9.90
CA SER A 33 12.60 0.36 10.89
C SER A 33 12.62 -0.68 11.99
N GLY A 34 12.75 -1.98 11.65
CA GLY A 34 12.51 -3.02 12.64
C GLY A 34 11.07 -3.50 12.53
N ALA A 35 10.08 -2.59 12.33
CA ALA A 35 8.71 -3.06 12.12
C ALA A 35 8.67 -3.91 10.88
N PRO A 36 8.13 -5.16 10.84
CA PRO A 36 7.97 -5.84 9.56
C PRO A 36 7.31 -4.99 8.50
N PRO A 37 7.50 -5.20 7.18
CA PRO A 37 6.87 -4.30 6.23
C PRO A 37 5.37 -4.48 6.14
N PRO A 38 4.58 -3.52 5.61
CA PRO A 38 3.14 -3.70 5.51
C PRO A 38 2.83 -4.72 4.44
N SER A 39 2.95 -6.01 4.81
CA SER A 39 2.70 -7.10 3.86
C SER A 39 2.28 -8.36 4.59
N HIS A 1 -24.54 -8.14 -12.28
CA HIS A 1 -24.31 -8.19 -13.76
C HIS A 1 -23.82 -6.83 -14.20
N GLN A 3 -21.11 -3.62 -14.70
CA GLN A 3 -20.07 -3.16 -13.78
C GLN A 3 -18.80 -3.97 -13.90
N GLY A 4 -18.28 -4.16 -15.13
CA GLY A 4 -17.07 -4.96 -15.32
C GLY A 4 -15.84 -4.40 -14.64
N THR A 5 -14.83 -5.26 -14.40
CA THR A 5 -13.59 -4.84 -13.72
C THR A 5 -13.81 -3.85 -12.59
N PHE A 6 -14.87 -4.02 -11.76
CA PHE A 6 -15.06 -3.13 -10.62
C PHE A 6 -13.87 -3.20 -9.69
N THR A 7 -13.34 -4.40 -9.37
CA THR A 7 -12.17 -4.46 -8.49
C THR A 7 -11.05 -3.57 -8.95
N SER A 8 -10.85 -3.26 -10.26
CA SER A 8 -9.69 -2.44 -10.62
C SER A 8 -9.67 -1.12 -9.88
N ASP A 9 -10.82 -0.42 -9.80
CA ASP A 9 -10.86 0.86 -9.07
C ASP A 9 -10.59 0.63 -7.59
N LEU A 10 -11.05 -0.49 -6.99
CA LEU A 10 -10.71 -0.78 -5.59
C LEU A 10 -9.24 -1.09 -5.52
N SER A 11 -8.67 -1.94 -6.42
CA SER A 11 -7.22 -2.18 -6.40
C SER A 11 -6.47 -0.87 -6.37
N LYS A 12 -6.97 0.19 -7.05
CA LYS A 12 -6.29 1.49 -6.97
C LYS A 12 -6.47 2.13 -5.61
N GLN A 13 -7.66 2.03 -4.96
CA GLN A 13 -7.76 2.53 -3.58
C GLN A 13 -6.81 1.73 -2.71
N LYS A 14 -6.72 0.39 -2.91
CA LYS A 14 -5.80 -0.40 -2.09
C LYS A 14 -4.38 0.03 -2.36
N ASP A 15 -4.00 0.24 -3.64
CA ASP A 15 -2.68 0.78 -3.95
C ASP A 15 -2.51 2.09 -3.24
N SER A 16 -3.49 3.00 -3.22
CA SER A 16 -3.27 4.30 -2.58
C SER A 16 -2.87 4.09 -1.14
N ARG A 17 -3.54 3.19 -0.38
CA ARG A 17 -3.16 2.96 1.00
C ARG A 17 -1.91 2.12 1.14
N ARG A 18 -1.79 1.00 0.41
CA ARG A 18 -0.61 0.13 0.53
C ARG A 18 0.62 0.83 0.02
N ALA A 19 0.52 1.57 -1.11
CA ALA A 19 1.64 2.39 -1.57
C ALA A 19 2.02 3.37 -0.48
N GLN A 20 1.04 4.13 0.09
CA GLN A 20 1.37 5.01 1.20
C GLN A 20 1.95 4.24 2.37
N ASP A 21 1.51 2.99 2.64
CA ASP A 21 2.06 2.22 3.75
C ASP A 21 3.50 1.85 3.43
N PHE A 22 3.79 1.43 2.18
CA PHE A 22 5.19 1.14 1.81
C PHE A 22 6.02 2.39 1.87
N ILE A 23 5.50 3.54 1.37
CA ILE A 23 6.23 4.79 1.50
C ILE A 23 6.38 5.10 2.98
N GLU A 24 5.33 4.88 3.81
CA GLU A 24 5.46 5.11 5.24
C GLU A 24 6.58 4.23 5.74
N TRP A 25 6.58 2.93 5.36
CA TRP A 25 7.60 2.01 5.83
C TRP A 25 8.98 2.53 5.48
N LEU A 26 9.25 2.90 4.20
CA LEU A 26 10.57 3.44 3.86
C LEU A 26 10.82 4.76 4.56
N LYS A 27 9.90 5.74 4.45
CA LYS A 27 10.05 7.01 5.19
C LYS A 27 10.36 6.76 6.65
N ASN A 28 9.73 5.72 7.23
CA ASN A 28 9.89 5.40 8.66
C ASN A 28 11.13 4.57 8.92
N GLY A 29 12.05 4.33 7.97
CA GLY A 29 13.26 3.53 8.24
C GLY A 29 13.44 2.37 7.29
N GLY A 30 12.37 1.89 6.62
CA GLY A 30 12.53 0.71 5.76
C GLY A 30 12.86 -0.46 6.65
N PRO A 31 13.86 -1.33 6.40
CA PRO A 31 14.21 -2.31 7.41
C PRO A 31 14.32 -1.75 8.81
N SER A 32 14.91 -0.55 8.97
CA SER A 32 15.05 0.05 10.28
C SER A 32 13.73 0.48 10.89
N SER A 33 12.61 0.58 10.13
CA SER A 33 11.32 0.88 10.74
C SER A 33 11.02 -0.10 11.86
N GLY A 34 11.47 -1.38 11.74
CA GLY A 34 11.28 -2.35 12.80
C GLY A 34 10.22 -3.36 12.41
N ALA A 35 9.10 -2.90 11.82
CA ALA A 35 8.09 -3.83 11.32
C ALA A 35 8.57 -4.48 10.05
N PRO A 36 8.16 -5.71 9.64
CA PRO A 36 8.52 -6.18 8.31
C PRO A 36 7.78 -5.35 7.29
N PRO A 37 8.13 -5.31 5.98
CA PRO A 37 7.47 -4.35 5.11
C PRO A 37 6.05 -4.73 4.77
N PRO A 38 5.16 -3.79 4.36
CA PRO A 38 3.86 -4.20 3.87
C PRO A 38 4.05 -4.67 2.46
N SER A 39 4.67 -5.85 2.28
CA SER A 39 4.99 -6.35 0.94
C SER A 39 5.39 -7.81 0.96
N HIS A 1 -26.01 2.60 -10.17
CA HIS A 1 -25.37 3.86 -9.76
C HIS A 1 -23.87 3.67 -9.73
N GLN A 3 -19.93 2.17 -10.11
CA GLN A 3 -19.37 0.89 -9.68
C GLN A 3 -19.51 -0.20 -10.73
N GLY A 4 -19.03 0.05 -11.98
CA GLY A 4 -18.89 -1.03 -12.95
C GLY A 4 -17.47 -1.54 -12.82
N THR A 5 -17.20 -2.85 -12.90
CA THR A 5 -15.86 -3.36 -12.58
C THR A 5 -15.33 -2.75 -11.31
N PHE A 6 -16.15 -2.70 -10.22
CA PHE A 6 -15.75 -2.00 -9.00
C PHE A 6 -14.37 -2.39 -8.52
N THR A 7 -13.96 -3.67 -8.70
CA THR A 7 -12.58 -4.06 -8.36
C THR A 7 -11.57 -3.09 -8.90
N SER A 8 -11.77 -2.45 -10.08
CA SER A 8 -10.78 -1.49 -10.58
C SER A 8 -10.78 -0.26 -9.69
N ASP A 9 -11.96 0.33 -9.41
CA ASP A 9 -12.00 1.48 -8.51
C ASP A 9 -11.39 1.15 -7.17
N LEU A 10 -11.47 -0.11 -6.67
CA LEU A 10 -10.81 -0.41 -5.39
C LEU A 10 -9.37 -0.82 -5.59
N SER A 11 -8.95 -1.49 -6.69
CA SER A 11 -7.55 -1.87 -6.83
C SER A 11 -6.69 -0.62 -6.80
N LYS A 12 -7.09 0.46 -7.50
CA LYS A 12 -6.31 1.70 -7.43
C LYS A 12 -6.28 2.27 -6.02
N GLN A 13 -7.36 2.13 -5.21
CA GLN A 13 -7.32 2.61 -3.84
C GLN A 13 -6.43 1.70 -3.01
N LYS A 14 -6.56 0.37 -3.15
CA LYS A 14 -5.67 -0.55 -2.44
C LYS A 14 -4.23 -0.24 -2.81
N ASP A 15 -3.96 0.05 -4.11
CA ASP A 15 -2.60 0.39 -4.52
C ASP A 15 -2.23 1.68 -3.81
N SER A 16 -3.07 2.74 -3.84
CA SER A 16 -2.67 3.98 -3.16
C SER A 16 -2.42 3.69 -1.70
N ARG A 17 -3.32 2.97 -1.01
CA ARG A 17 -3.14 2.74 0.40
C ARG A 17 -1.90 1.89 0.65
N ARG A 18 -1.72 0.75 -0.04
CA ARG A 18 -0.53 -0.07 0.19
C ARG A 18 0.71 0.67 -0.24
N ALA A 19 0.68 1.35 -1.40
CA ALA A 19 1.84 2.11 -1.86
C ALA A 19 2.17 3.17 -0.83
N GLN A 20 1.18 3.98 -0.40
CA GLN A 20 1.46 5.01 0.60
C GLN A 20 1.82 4.41 1.95
N ASP A 21 1.20 3.29 2.36
CA ASP A 21 1.55 2.65 3.64
C ASP A 21 2.94 2.05 3.58
N PHE A 22 3.29 1.40 2.45
CA PHE A 22 4.65 0.89 2.27
C PHE A 22 5.62 2.05 2.20
N ILE A 23 5.30 3.13 1.47
CA ILE A 23 6.17 4.30 1.50
C ILE A 23 6.19 4.87 2.91
N GLU A 24 5.07 4.87 3.65
CA GLU A 24 5.13 5.33 5.05
C GLU A 24 6.14 4.47 5.75
N TRP A 25 6.08 3.13 5.59
CA TRP A 25 7.07 2.27 6.23
C TRP A 25 8.48 2.64 5.81
N LEU A 26 8.78 2.90 4.52
CA LEU A 26 10.12 3.37 4.15
C LEU A 26 10.43 4.71 4.80
N LYS A 27 9.58 5.74 4.59
CA LYS A 27 9.79 7.04 5.23
C LYS A 27 10.01 6.86 6.72
N ASN A 28 9.29 5.90 7.34
CA ASN A 28 9.38 5.66 8.79
C ASN A 28 10.45 4.66 9.15
N GLY A 29 11.46 4.42 8.28
CA GLY A 29 12.60 3.56 8.65
C GLY A 29 12.88 2.50 7.62
N GLY A 30 11.85 1.87 7.01
CA GLY A 30 12.13 0.78 6.07
C GLY A 30 12.72 -0.39 6.85
N PRO A 31 13.64 -1.23 6.33
CA PRO A 31 14.24 -2.26 7.19
C PRO A 31 14.77 -1.69 8.49
N SER A 32 15.38 -0.48 8.46
CA SER A 32 15.86 0.12 9.72
C SER A 32 14.75 0.33 10.72
N SER A 33 13.47 0.42 10.29
CA SER A 33 12.38 0.50 11.27
C SER A 33 12.49 -0.64 12.26
N GLY A 34 12.87 -1.86 11.81
CA GLY A 34 12.84 -3.03 12.70
C GLY A 34 11.53 -3.76 12.48
N ALA A 35 10.38 -3.03 12.46
CA ALA A 35 9.12 -3.71 12.17
C ALA A 35 9.14 -4.26 10.75
N PRO A 36 8.55 -5.43 10.40
CA PRO A 36 8.61 -5.89 9.02
C PRO A 36 7.70 -5.03 8.16
N PRO A 37 7.79 -5.05 6.81
CA PRO A 37 6.94 -4.16 6.03
C PRO A 37 5.48 -4.54 6.04
N PRO A 38 4.52 -3.64 5.66
CA PRO A 38 3.11 -4.02 5.66
C PRO A 38 2.79 -4.97 4.52
N SER A 39 3.30 -6.21 4.60
CA SER A 39 3.15 -7.18 3.52
C SER A 39 2.67 -8.51 4.05
N HIS A 1 -22.87 -10.08 -10.43
CA HIS A 1 -23.66 -9.12 -11.22
C HIS A 1 -23.38 -7.75 -10.66
N GLN A 3 -21.22 -4.34 -9.71
CA GLN A 3 -19.81 -4.32 -9.32
C GLN A 3 -18.85 -4.38 -10.49
N GLY A 4 -19.13 -3.65 -11.59
CA GLY A 4 -18.22 -3.69 -12.74
C GLY A 4 -16.85 -3.18 -12.36
N THR A 5 -15.74 -3.89 -12.68
CA THR A 5 -14.40 -3.40 -12.31
C THR A 5 -14.29 -2.96 -10.86
N PHE A 6 -15.11 -3.51 -9.93
CA PHE A 6 -15.01 -3.08 -8.53
C PHE A 6 -13.68 -3.49 -7.96
N THR A 7 -13.20 -4.74 -8.15
CA THR A 7 -11.90 -5.10 -7.59
C THR A 7 -10.80 -4.27 -8.22
N SER A 8 -10.95 -3.82 -9.49
CA SER A 8 -9.91 -2.98 -10.09
C SER A 8 -9.86 -1.67 -9.35
N ASP A 9 -11.02 -1.05 -9.03
CA ASP A 9 -10.96 0.21 -8.29
C ASP A 9 -10.42 -0.09 -6.91
N LEU A 10 -10.96 -1.08 -6.18
CA LEU A 10 -10.38 -1.37 -4.86
C LEU A 10 -8.91 -1.66 -5.01
N SER A 11 -8.44 -2.28 -6.11
CA SER A 11 -7.00 -2.46 -6.25
C SER A 11 -6.32 -1.11 -6.25
N LYS A 12 -6.81 -0.09 -7.00
CA LYS A 12 -6.14 1.22 -6.96
C LYS A 12 -6.26 1.82 -5.59
N GLN A 13 -7.41 1.70 -4.90
CA GLN A 13 -7.53 2.27 -3.56
C GLN A 13 -6.56 1.59 -2.64
N LYS A 14 -6.49 0.24 -2.71
CA LYS A 14 -5.52 -0.49 -1.88
C LYS A 14 -4.11 -0.16 -2.31
N ASP A 15 -3.86 0.12 -3.61
CA ASP A 15 -2.50 0.48 -4.03
C ASP A 15 -2.20 1.85 -3.49
N SER A 16 -3.14 2.83 -3.52
CA SER A 16 -2.85 4.14 -2.95
C SER A 16 -2.49 3.97 -1.49
N ARG A 17 -3.26 3.15 -0.76
CA ARG A 17 -2.96 2.90 0.64
C ARG A 17 -1.64 2.17 0.79
N ARG A 18 -1.47 0.98 0.17
CA ARG A 18 -0.21 0.24 0.32
C ARG A 18 0.95 1.12 -0.12
N ALA A 19 0.79 1.85 -1.25
CA ALA A 19 1.85 2.71 -1.74
C ALA A 19 2.19 3.77 -0.72
N GLN A 20 1.22 4.58 -0.25
CA GLN A 20 1.53 5.60 0.75
C GLN A 20 1.98 4.98 2.06
N ASP A 21 1.42 3.83 2.46
CA ASP A 21 1.86 3.16 3.69
C ASP A 21 3.27 2.64 3.48
N PHE A 22 3.61 2.17 2.26
CA PHE A 22 4.98 1.71 1.97
C PHE A 22 5.93 2.88 1.96
N ILE A 23 5.56 4.00 1.30
CA ILE A 23 6.41 5.19 1.37
C ILE A 23 6.51 5.62 2.83
N GLU A 24 5.40 5.61 3.60
CA GLU A 24 5.50 5.96 5.02
C GLU A 24 6.45 4.96 5.67
N TRP A 25 6.32 3.65 5.40
CA TRP A 25 7.23 2.68 6.02
C TRP A 25 8.67 3.02 5.66
N LEU A 26 9.00 3.34 4.39
CA LEU A 26 10.38 3.73 4.07
C LEU A 26 10.77 5.02 4.75
N LYS A 27 9.98 6.11 4.61
CA LYS A 27 10.31 7.37 5.27
C LYS A 27 10.46 7.14 6.77
N ASN A 28 9.50 6.40 7.36
CA ASN A 28 9.49 6.15 8.80
C ASN A 28 10.64 5.25 9.19
N GLY A 29 11.09 4.31 8.32
CA GLY A 29 12.22 3.46 8.69
C GLY A 29 12.66 2.50 7.60
N GLY A 30 11.73 1.77 6.95
CA GLY A 30 12.16 0.77 5.95
C GLY A 30 12.63 -0.46 6.67
N PRO A 31 13.52 -1.34 6.13
CA PRO A 31 13.96 -2.50 6.88
C PRO A 31 14.39 -2.18 8.30
N SER A 32 15.09 -1.03 8.50
CA SER A 32 15.49 -0.62 9.85
C SER A 32 14.31 -0.59 10.79
N SER A 33 13.10 -0.22 10.34
CA SER A 33 11.95 -0.21 11.24
C SER A 33 11.89 -1.52 12.01
N GLY A 34 11.96 -2.67 11.32
CA GLY A 34 11.70 -3.95 11.98
C GLY A 34 10.28 -4.37 11.69
N ALA A 35 9.29 -3.44 11.69
CA ALA A 35 7.94 -3.83 11.30
C ALA A 35 7.99 -4.44 9.92
N PRO A 36 7.49 -5.67 9.63
CA PRO A 36 7.49 -6.13 8.24
C PRO A 36 6.86 -5.11 7.31
N PRO A 37 7.20 -5.04 5.99
CA PRO A 37 6.66 -3.95 5.19
C PRO A 37 5.18 -4.12 4.92
N PRO A 38 4.40 -3.07 4.60
CA PRO A 38 3.01 -3.28 4.23
C PRO A 38 2.98 -3.77 2.79
N SER A 39 3.25 -5.06 2.58
CA SER A 39 3.28 -5.62 1.23
C SER A 39 2.88 -7.07 1.23
N HIS A 1 -24.51 -4.34 -17.58
CA HIS A 1 -23.34 -3.44 -17.69
C HIS A 1 -23.04 -2.96 -16.29
N GLN A 3 -19.67 -2.67 -12.93
CA GLN A 3 -18.46 -3.36 -12.48
C GLN A 3 -17.41 -3.45 -13.58
N GLY A 4 -17.19 -2.34 -14.33
CA GLY A 4 -16.16 -2.37 -15.36
C GLY A 4 -14.81 -2.48 -14.70
N THR A 5 -14.11 -3.64 -14.75
CA THR A 5 -12.85 -3.77 -14.04
C THR A 5 -12.98 -3.42 -12.57
N PHE A 6 -14.04 -3.91 -11.89
CA PHE A 6 -14.23 -3.58 -10.48
C PHE A 6 -12.97 -3.77 -9.67
N THR A 7 -12.26 -4.92 -9.80
CA THR A 7 -11.04 -5.10 -9.01
C THR A 7 -10.05 -4.00 -9.30
N SER A 8 -9.97 -3.45 -10.53
CA SER A 8 -9.02 -2.37 -10.79
C SER A 8 -9.46 -1.13 -10.08
N ASP A 9 -10.76 -0.77 -10.15
CA ASP A 9 -11.20 0.43 -9.43
C ASP A 9 -10.88 0.31 -7.96
N LEU A 10 -11.01 -0.90 -7.35
CA LEU A 10 -10.61 -1.05 -5.95
C LEU A 10 -9.11 -1.11 -5.82
N SER A 11 -8.40 -1.78 -6.74
CA SER A 11 -6.96 -1.95 -6.58
C SER A 11 -6.28 -0.61 -6.38
N LYS A 12 -6.67 0.47 -7.08
CA LYS A 12 -6.04 1.76 -6.83
C LYS A 12 -6.27 2.21 -5.40
N GLN A 13 -7.42 1.90 -4.78
CA GLN A 13 -7.62 2.32 -3.39
C GLN A 13 -6.66 1.58 -2.49
N LYS A 14 -6.49 0.26 -2.75
CA LYS A 14 -5.64 -0.56 -1.91
C LYS A 14 -4.17 -0.34 -2.22
N ASP A 15 -3.81 -0.09 -3.49
CA ASP A 15 -2.42 0.20 -3.80
C ASP A 15 -2.16 1.62 -3.34
N SER A 16 -3.08 2.59 -3.50
CA SER A 16 -2.79 3.92 -2.97
C SER A 16 -2.57 3.80 -1.47
N ARG A 17 -3.45 3.06 -0.76
CA ARG A 17 -3.26 2.94 0.68
C ARG A 17 -1.99 2.19 1.00
N ARG A 18 -1.79 0.96 0.46
CA ARG A 18 -0.57 0.21 0.79
C ARG A 18 0.66 0.90 0.27
N ALA A 19 0.61 1.56 -0.89
CA ALA A 19 1.76 2.29 -1.40
C ALA A 19 2.07 3.41 -0.43
N GLN A 20 1.08 4.25 -0.06
CA GLN A 20 1.35 5.29 0.95
C GLN A 20 1.80 4.65 2.25
N ASP A 21 1.22 3.50 2.65
CA ASP A 21 1.66 2.82 3.89
C ASP A 21 3.11 2.39 3.71
N PHE A 22 3.45 1.85 2.52
CA PHE A 22 4.82 1.38 2.25
C PHE A 22 5.79 2.53 2.17
N ILE A 23 5.42 3.63 1.49
CA ILE A 23 6.28 4.82 1.46
C ILE A 23 6.40 5.31 2.88
N GLU A 24 5.30 5.41 3.66
CA GLU A 24 5.45 5.85 5.06
C GLU A 24 6.42 4.90 5.72
N TRP A 25 6.23 3.57 5.59
CA TRP A 25 7.16 2.62 6.20
C TRP A 25 8.59 2.92 5.75
N LEU A 26 8.86 3.17 4.45
CA LEU A 26 10.23 3.52 4.03
C LEU A 26 10.68 4.82 4.66
N LYS A 27 9.95 5.93 4.43
CA LYS A 27 10.34 7.23 5.01
C LYS A 27 10.54 7.10 6.50
N ASN A 28 9.62 6.39 7.18
CA ASN A 28 9.67 6.22 8.63
C ASN A 28 10.84 5.33 9.00
N GLY A 29 11.23 4.36 8.15
CA GLY A 29 12.40 3.54 8.44
C GLY A 29 12.71 2.51 7.38
N GLY A 30 11.71 1.74 6.89
CA GLY A 30 12.00 0.69 5.90
C GLY A 30 12.54 -0.52 6.63
N PRO A 31 13.38 -1.40 6.05
CA PRO A 31 13.95 -2.48 6.86
C PRO A 31 14.53 -1.97 8.17
N SER A 32 15.17 -0.77 8.18
CA SER A 32 15.67 -0.22 9.44
C SER A 32 14.59 -0.14 10.49
N SER A 33 13.31 0.12 10.11
CA SER A 33 12.24 0.11 11.12
C SER A 33 12.28 -1.15 11.95
N GLY A 34 12.51 -2.32 11.31
CA GLY A 34 12.41 -3.59 12.04
C GLY A 34 11.03 -4.18 11.90
N ALA A 35 9.95 -3.36 11.94
CA ALA A 35 8.61 -3.93 11.75
C ALA A 35 8.49 -4.55 10.38
N PRO A 36 7.72 -5.65 10.13
CA PRO A 36 7.63 -6.16 8.77
C PRO A 36 6.89 -5.15 7.91
N PRO A 37 7.05 -5.10 6.56
CA PRO A 37 6.43 -4.02 5.82
C PRO A 37 4.94 -4.19 5.72
N PRO A 38 4.15 -3.12 5.45
CA PRO A 38 2.72 -3.32 5.25
C PRO A 38 2.49 -3.97 3.92
N SER A 39 2.51 -5.32 3.84
CA SER A 39 2.25 -6.00 2.57
C SER A 39 0.76 -6.05 2.28
N HIS A 1 -22.09 -4.84 -6.81
CA HIS A 1 -22.99 -5.08 -7.95
C HIS A 1 -22.91 -3.90 -8.88
N GLN A 3 -21.14 -1.34 -11.97
CA GLN A 3 -19.78 -0.80 -12.14
C GLN A 3 -18.88 -1.73 -12.94
N GLY A 4 -18.68 -1.50 -14.25
CA GLY A 4 -17.77 -2.36 -15.01
C GLY A 4 -16.38 -2.37 -14.41
N THR A 5 -15.61 -3.48 -14.52
CA THR A 5 -14.28 -3.53 -13.89
C THR A 5 -14.34 -3.00 -12.47
N PHE A 6 -15.32 -3.47 -11.67
CA PHE A 6 -15.47 -2.97 -10.31
C PHE A 6 -14.19 -3.06 -9.51
N THR A 7 -13.53 -4.23 -9.46
CA THR A 7 -12.35 -4.33 -8.59
C THR A 7 -11.27 -3.36 -8.99
N SER A 8 -11.09 -3.02 -10.28
CA SER A 8 -9.94 -2.21 -10.65
C SER A 8 -10.03 -0.83 -10.03
N ASP A 9 -11.19 -0.13 -10.10
CA ASP A 9 -11.26 1.19 -9.49
C ASP A 9 -11.16 1.11 -7.98
N LEU A 10 -11.31 -0.05 -7.32
CA LEU A 10 -10.95 -0.14 -5.89
C LEU A 10 -9.49 -0.49 -5.76
N SER A 11 -8.94 -1.44 -6.56
CA SER A 11 -7.53 -1.79 -6.45
C SER A 11 -6.63 -0.57 -6.49
N LYS A 12 -6.92 0.47 -7.32
CA LYS A 12 -6.08 1.68 -7.27
C LYS A 12 -6.10 2.29 -5.88
N GLN A 13 -7.26 2.28 -5.17
CA GLN A 13 -7.31 2.89 -3.84
C GLN A 13 -6.58 1.99 -2.86
N LYS A 14 -6.73 0.66 -2.98
CA LYS A 14 -6.01 -0.24 -2.07
C LYS A 14 -4.53 -0.20 -2.34
N ASP A 15 -4.12 -0.12 -3.62
CA ASP A 15 -2.71 0.04 -3.94
C ASP A 15 -2.28 1.38 -3.42
N SER A 16 -3.09 2.47 -3.54
CA SER A 16 -2.66 3.74 -2.97
C SER A 16 -2.44 3.57 -1.49
N ARG A 17 -3.37 2.92 -0.75
CA ARG A 17 -3.17 2.76 0.67
C ARG A 17 -1.94 1.89 0.94
N ARG A 18 -1.87 0.67 0.38
CA ARG A 18 -0.73 -0.21 0.67
C ARG A 18 0.55 0.42 0.20
N ALA A 19 0.54 1.14 -0.94
CA ALA A 19 1.75 1.81 -1.42
C ALA A 19 2.11 2.96 -0.50
N GLN A 20 1.15 3.84 -0.14
CA GLN A 20 1.43 4.90 0.83
C GLN A 20 1.89 4.30 2.16
N ASP A 21 1.32 3.15 2.57
CA ASP A 21 1.73 2.52 3.84
C ASP A 21 3.12 1.95 3.66
N PHE A 22 3.45 1.32 2.50
CA PHE A 22 4.83 0.90 2.25
C PHE A 22 5.76 2.09 2.24
N ILE A 23 5.34 3.22 1.66
CA ILE A 23 6.17 4.42 1.70
C ILE A 23 6.18 4.98 3.11
N GLU A 24 5.10 4.87 3.92
CA GLU A 24 5.20 5.26 5.32
C GLU A 24 6.29 4.42 5.94
N TRP A 25 6.29 3.10 5.67
CA TRP A 25 7.35 2.25 6.22
C TRP A 25 8.72 2.70 5.75
N LEU A 26 8.95 2.96 4.45
CA LEU A 26 10.27 3.49 4.04
C LEU A 26 10.56 4.82 4.70
N LYS A 27 9.64 5.81 4.58
CA LYS A 27 9.83 7.10 5.24
C LYS A 27 10.18 6.89 6.70
N ASN A 28 9.48 5.94 7.37
CA ASN A 28 9.67 5.71 8.80
C ASN A 28 10.88 4.83 9.08
N GLY A 29 11.63 4.33 8.06
CA GLY A 29 12.85 3.57 8.33
C GLY A 29 13.11 2.48 7.30
N GLY A 30 12.07 1.86 6.68
CA GLY A 30 12.32 0.74 5.77
C GLY A 30 12.80 -0.43 6.59
N PRO A 31 13.76 -1.30 6.18
CA PRO A 31 14.29 -2.26 7.12
C PRO A 31 14.70 -1.63 8.44
N SER A 32 15.26 -0.39 8.42
CA SER A 32 15.61 0.27 9.68
C SER A 32 14.40 0.61 10.51
N SER A 33 13.15 0.59 9.98
CA SER A 33 11.99 0.79 10.84
C SER A 33 11.95 -0.32 11.87
N GLY A 34 12.33 -1.56 11.48
CA GLY A 34 12.27 -2.69 12.41
C GLY A 34 11.06 -3.52 12.09
N ALA A 35 9.84 -2.93 12.15
CA ALA A 35 8.65 -3.69 11.84
C ALA A 35 8.77 -4.39 10.49
N PRO A 36 8.34 -5.66 10.26
CA PRO A 36 8.36 -6.19 8.90
C PRO A 36 7.66 -5.27 7.93
N PRO A 37 7.88 -5.31 6.59
CA PRO A 37 7.19 -4.37 5.74
C PRO A 37 5.70 -4.63 5.74
N PRO A 38 4.81 -3.64 5.47
CA PRO A 38 3.38 -3.93 5.46
C PRO A 38 3.05 -4.77 4.25
N SER A 39 3.12 -6.11 4.40
CA SER A 39 2.94 -7.01 3.25
C SER A 39 2.30 -8.31 3.67
N HIS A 1 -22.54 -2.93 -8.58
CA HIS A 1 -23.19 -3.02 -9.92
C HIS A 1 -22.56 -1.96 -10.79
N GLN A 3 -19.67 -0.29 -13.31
CA GLN A 3 -18.22 -0.38 -13.07
C GLN A 3 -17.70 -1.75 -13.41
N GLY A 4 -17.72 -2.13 -14.72
CA GLY A 4 -17.19 -3.45 -15.09
C GLY A 4 -15.80 -3.70 -14.55
N THR A 5 -15.37 -4.97 -14.41
CA THR A 5 -14.08 -5.27 -13.77
C THR A 5 -14.14 -4.99 -12.29
N PHE A 6 -14.46 -3.75 -11.83
CA PHE A 6 -14.63 -3.47 -10.40
C PHE A 6 -13.35 -3.63 -9.59
N THR A 7 -12.74 -4.83 -9.50
CA THR A 7 -11.50 -4.98 -8.72
C THR A 7 -10.46 -3.96 -9.11
N SER A 8 -10.40 -3.47 -10.38
CA SER A 8 -9.35 -2.52 -10.75
C SER A 8 -9.61 -1.16 -10.13
N ASP A 9 -10.84 -0.60 -10.26
CA ASP A 9 -11.11 0.71 -9.68
C ASP A 9 -10.99 0.65 -8.16
N LEU A 10 -11.15 -0.52 -7.52
CA LEU A 10 -10.80 -0.63 -6.10
C LEU A 10 -9.30 -0.86 -5.94
N SER A 11 -8.62 -1.62 -6.85
CA SER A 11 -7.19 -1.87 -6.66
C SER A 11 -6.43 -0.58 -6.60
N LYS A 12 -6.72 0.40 -7.49
CA LYS A 12 -5.98 1.66 -7.41
C LYS A 12 -6.14 2.31 -6.04
N GLN A 13 -7.30 2.16 -5.35
CA GLN A 13 -7.46 2.76 -4.03
C GLN A 13 -6.77 1.91 -2.99
N LYS A 14 -6.97 0.58 -3.01
CA LYS A 14 -6.27 -0.29 -2.05
C LYS A 14 -4.78 -0.19 -2.26
N ASP A 15 -4.32 -0.03 -3.52
CA ASP A 15 -2.90 0.11 -3.78
C ASP A 15 -2.48 1.45 -3.24
N SER A 16 -3.17 2.56 -3.62
CA SER A 16 -2.78 3.86 -3.10
C SER A 16 -2.68 3.81 -1.59
N ARG A 17 -3.63 3.13 -0.93
CA ARG A 17 -3.60 3.05 0.53
C ARG A 17 -2.35 2.36 1.02
N ARG A 18 -2.10 1.08 0.64
CA ARG A 18 -0.89 0.42 1.13
C ARG A 18 0.36 0.90 0.41
N ALA A 19 0.26 1.64 -0.71
CA ALA A 19 1.45 2.22 -1.32
C ALA A 19 1.85 3.39 -0.44
N GLN A 20 0.91 4.25 -0.01
CA GLN A 20 1.25 5.29 0.95
C GLN A 20 1.73 4.67 2.24
N ASP A 21 1.12 3.56 2.72
CA ASP A 21 1.59 2.93 3.96
C ASP A 21 2.96 2.35 3.77
N PHE A 22 3.24 1.68 2.64
CA PHE A 22 4.58 1.15 2.40
C PHE A 22 5.58 2.27 2.24
N ILE A 23 5.22 3.35 1.51
CA ILE A 23 6.09 4.51 1.47
C ILE A 23 6.28 5.01 2.88
N GLU A 24 5.23 5.01 3.74
CA GLU A 24 5.45 5.40 5.12
C GLU A 24 6.44 4.44 5.73
N TRP A 25 6.27 3.12 5.59
CA TRP A 25 7.27 2.20 6.17
C TRP A 25 8.67 2.60 5.72
N LEU A 26 8.90 2.91 4.43
CA LEU A 26 10.23 3.34 4.01
C LEU A 26 10.62 4.69 4.63
N LYS A 27 9.80 5.75 4.45
CA LYS A 27 10.14 7.07 5.00
C LYS A 27 10.36 6.97 6.50
N ASN A 28 9.45 6.25 7.19
CA ASN A 28 9.56 6.02 8.63
C ASN A 28 10.85 5.29 8.94
N GLY A 29 11.29 4.34 8.08
CA GLY A 29 12.57 3.67 8.33
C GLY A 29 12.92 2.61 7.31
N GLY A 30 11.96 1.77 6.86
CA GLY A 30 12.31 0.71 5.91
C GLY A 30 12.91 -0.44 6.70
N PRO A 31 13.84 -1.28 6.17
CA PRO A 31 14.45 -2.29 7.03
C PRO A 31 14.93 -1.72 8.34
N SER A 32 15.47 -0.48 8.35
CA SER A 32 15.88 0.13 9.62
C SER A 32 14.75 0.14 10.62
N SER A 33 13.48 0.34 10.19
CA SER A 33 12.37 0.30 11.14
C SER A 33 12.38 -0.97 11.95
N GLY A 34 12.75 -2.13 11.35
CA GLY A 34 12.72 -3.39 12.11
C GLY A 34 11.35 -4.02 11.99
N ALA A 35 10.26 -3.29 12.34
CA ALA A 35 8.91 -3.82 12.17
C ALA A 35 8.77 -4.47 10.81
N PRO A 36 8.55 -5.81 10.64
CA PRO A 36 8.46 -6.36 9.29
C PRO A 36 7.61 -5.56 8.34
N PRO A 37 7.90 -5.47 7.02
CA PRO A 37 7.22 -4.49 6.19
C PRO A 37 5.74 -4.79 6.06
N PRO A 38 4.86 -3.81 5.72
CA PRO A 38 3.45 -4.12 5.56
C PRO A 38 3.20 -4.81 4.24
N SER A 39 3.68 -6.06 4.09
CA SER A 39 3.47 -6.83 2.85
C SER A 39 2.13 -7.53 2.93
N HIS A 1 -22.62 -7.42 -13.14
CA HIS A 1 -21.36 -7.63 -12.37
C HIS A 1 -20.60 -8.71 -13.08
N GLN A 3 -17.39 -9.99 -15.77
CA GLN A 3 -17.05 -9.49 -17.11
C GLN A 3 -16.29 -8.18 -17.04
N GLY A 4 -16.89 -7.06 -16.56
CA GLY A 4 -16.12 -5.83 -16.43
C GLY A 4 -15.11 -5.94 -15.31
N THR A 5 -13.97 -5.20 -15.36
CA THR A 5 -12.98 -5.34 -14.30
C THR A 5 -13.51 -4.84 -12.96
N PHE A 6 -13.72 -3.52 -12.78
CA PHE A 6 -14.23 -2.98 -11.51
C PHE A 6 -13.25 -3.19 -10.37
N THR A 7 -12.88 -4.42 -9.99
CA THR A 7 -11.87 -4.58 -8.95
C THR A 7 -10.60 -3.83 -9.31
N SER A 8 -10.27 -3.65 -10.61
CA SER A 8 -9.07 -2.89 -10.94
C SER A 8 -9.22 -1.45 -10.48
N ASP A 9 -10.38 -0.80 -10.70
CA ASP A 9 -10.52 0.59 -10.26
C ASP A 9 -10.66 0.67 -8.76
N LEU A 10 -11.06 -0.40 -8.03
CA LEU A 10 -10.88 -0.37 -6.58
C LEU A 10 -9.43 -0.67 -6.24
N SER A 11 -8.73 -1.55 -6.99
CA SER A 11 -7.35 -1.90 -6.62
C SER A 11 -6.48 -0.67 -6.57
N LYS A 12 -6.58 0.28 -7.53
CA LYS A 12 -5.79 1.52 -7.39
C LYS A 12 -6.06 2.20 -6.06
N GLN A 13 -7.31 2.14 -5.53
CA GLN A 13 -7.62 2.81 -4.27
C GLN A 13 -7.03 2.02 -3.13
N LYS A 14 -7.18 0.67 -3.14
CA LYS A 14 -6.62 -0.14 -2.06
C LYS A 14 -5.11 -0.13 -2.10
N ASP A 15 -4.52 -0.14 -3.31
CA ASP A 15 -3.07 -0.05 -3.42
C ASP A 15 -2.68 1.34 -3.00
N SER A 16 -3.37 2.42 -3.43
CA SER A 16 -2.96 3.75 -2.98
C SER A 16 -2.84 3.79 -1.47
N ARG A 17 -3.78 3.13 -0.74
CA ARG A 17 -3.72 3.11 0.71
C ARG A 17 -2.46 2.40 1.19
N ARG A 18 -2.25 1.11 0.86
CA ARG A 18 -1.07 0.42 1.40
C ARG A 18 0.21 0.85 0.70
N ALA A 19 0.13 1.44 -0.50
CA ALA A 19 1.30 2.02 -1.14
C ALA A 19 1.74 3.19 -0.29
N GLN A 20 0.80 4.08 0.11
CA GLN A 20 1.18 5.15 1.03
C GLN A 20 1.71 4.56 2.33
N ASP A 21 1.05 3.52 2.88
CA ASP A 21 1.54 2.94 4.13
C ASP A 21 2.93 2.37 3.94
N PHE A 22 3.19 1.71 2.80
CA PHE A 22 4.53 1.17 2.52
C PHE A 22 5.53 2.29 2.31
N ILE A 23 5.17 3.33 1.53
CA ILE A 23 6.06 4.48 1.39
C ILE A 23 6.28 5.07 2.76
N GLU A 24 5.24 5.16 3.62
CA GLU A 24 5.45 5.67 4.98
C GLU A 24 6.44 4.76 5.67
N TRP A 25 6.25 3.43 5.61
CA TRP A 25 7.23 2.53 6.26
C TRP A 25 8.63 2.82 5.76
N LEU A 26 8.87 3.02 4.45
CA LEU A 26 10.21 3.38 3.99
C LEU A 26 10.65 4.74 4.52
N LYS A 27 9.85 5.80 4.27
CA LYS A 27 10.23 7.15 4.72
C LYS A 27 10.45 7.18 6.21
N ASN A 28 9.55 6.52 6.97
CA ASN A 28 9.66 6.42 8.43
C ASN A 28 10.91 5.65 8.79
N GLY A 29 11.25 4.58 8.03
CA GLY A 29 12.48 3.84 8.33
C GLY A 29 12.82 2.80 7.28
N GLY A 30 11.90 1.86 6.96
CA GLY A 30 12.24 0.77 6.04
C GLY A 30 12.81 -0.40 6.80
N PRO A 31 13.66 -1.29 6.24
CA PRO A 31 14.22 -2.37 7.04
C PRO A 31 14.88 -1.90 8.32
N SER A 32 15.52 -0.72 8.33
CA SER A 32 16.11 -0.19 9.56
C SER A 32 15.09 0.00 10.66
N SER A 33 13.76 -0.01 10.38
CA SER A 33 12.78 0.05 11.47
C SER A 33 12.82 -1.22 12.31
N GLY A 34 13.01 -2.41 11.69
CA GLY A 34 13.00 -3.67 12.45
C GLY A 34 11.68 -4.40 12.35
N ALA A 35 10.54 -3.68 12.26
CA ALA A 35 9.25 -4.36 12.08
C ALA A 35 9.17 -4.82 10.64
N PRO A 36 8.56 -5.97 10.26
CA PRO A 36 8.53 -6.32 8.84
C PRO A 36 7.60 -5.37 8.12
N PRO A 37 7.68 -5.17 6.79
CA PRO A 37 6.88 -4.12 6.17
C PRO A 37 5.39 -4.37 6.21
N PRO A 38 4.51 -3.35 5.97
CA PRO A 38 3.09 -3.62 5.96
C PRO A 38 2.74 -4.46 4.76
N SER A 39 2.73 -5.81 4.93
CA SER A 39 2.45 -6.72 3.82
C SER A 39 1.70 -7.94 4.32
N HIS A 1 -22.39 -8.23 -18.01
CA HIS A 1 -21.28 -7.53 -17.32
C HIS A 1 -21.07 -6.22 -18.03
N GLN A 3 -20.61 -1.55 -17.10
CA GLN A 3 -20.69 -0.57 -16.01
C GLN A 3 -19.35 -0.35 -15.35
N GLY A 4 -18.78 -1.32 -14.60
CA GLY A 4 -17.47 -1.11 -13.99
C GLY A 4 -17.12 -2.24 -13.05
N THR A 5 -16.02 -3.02 -13.28
CA THR A 5 -15.67 -4.13 -12.38
C THR A 5 -15.75 -3.73 -10.92
N PHE A 6 -15.29 -2.51 -10.53
CA PHE A 6 -15.41 -2.04 -9.15
C PHE A 6 -14.21 -2.48 -8.34
N THR A 7 -13.85 -3.79 -8.33
CA THR A 7 -12.64 -4.21 -7.61
C THR A 7 -11.40 -3.58 -8.22
N SER A 8 -11.37 -3.23 -9.53
CA SER A 8 -10.18 -2.60 -10.08
C SER A 8 -9.98 -1.24 -9.46
N ASP A 9 -11.06 -0.49 -9.16
CA ASP A 9 -10.89 0.79 -8.47
C ASP A 9 -10.54 0.50 -7.03
N LEU A 10 -11.26 -0.40 -6.31
CA LEU A 10 -10.80 -0.73 -4.96
C LEU A 10 -9.34 -1.12 -5.02
N SER A 11 -8.87 -1.83 -6.08
CA SER A 11 -7.44 -2.15 -6.16
C SER A 11 -6.63 -0.88 -6.26
N LYS A 12 -7.07 0.15 -7.02
CA LYS A 12 -6.32 1.42 -7.03
C LYS A 12 -6.35 2.06 -5.66
N GLN A 13 -7.49 2.03 -4.94
CA GLN A 13 -7.54 2.64 -3.62
C GLN A 13 -6.62 1.88 -2.68
N LYS A 14 -6.72 0.53 -2.69
CA LYS A 14 -5.81 -0.27 -1.88
C LYS A 14 -4.38 0.01 -2.27
N ASP A 15 -4.07 0.14 -3.57
CA ASP A 15 -2.70 0.47 -3.96
C ASP A 15 -2.33 1.80 -3.39
N SER A 16 -3.17 2.85 -3.50
CA SER A 16 -2.80 4.14 -2.92
C SER A 16 -2.47 3.94 -1.46
N ARG A 17 -3.30 3.17 -0.72
CA ARG A 17 -3.03 2.93 0.69
C ARG A 17 -1.77 2.12 0.91
N ARG A 18 -1.64 0.91 0.33
CA ARG A 18 -0.49 0.07 0.62
C ARG A 18 0.77 0.57 -0.06
N ALA A 19 0.65 1.33 -1.16
CA ALA A 19 1.82 2.02 -1.71
C ALA A 19 2.24 3.09 -0.73
N GLN A 20 1.28 3.92 -0.25
CA GLN A 20 1.60 4.89 0.78
C GLN A 20 2.14 4.21 2.02
N ASP A 21 1.56 3.07 2.44
CA ASP A 21 2.05 2.37 3.64
C ASP A 21 3.49 1.96 3.41
N PHE A 22 3.80 1.39 2.23
CA PHE A 22 5.19 1.01 1.94
C PHE A 22 6.07 2.23 1.89
N ILE A 23 5.63 3.34 1.26
CA ILE A 23 6.46 4.55 1.25
C ILE A 23 6.63 5.05 2.68
N GLU A 24 5.57 5.05 3.49
CA GLU A 24 5.70 5.47 4.88
C GLU A 24 6.66 4.53 5.57
N TRP A 25 6.51 3.20 5.40
CA TRP A 25 7.46 2.27 6.02
C TRP A 25 8.87 2.72 5.68
N LEU A 26 9.20 3.05 4.42
CA LEU A 26 10.54 3.56 4.12
C LEU A 26 10.82 4.89 4.80
N LYS A 27 10.01 5.95 4.56
CA LYS A 27 10.28 7.26 5.18
C LYS A 27 10.44 7.12 6.69
N ASN A 28 9.51 6.37 7.31
CA ASN A 28 9.54 6.11 8.75
C ASN A 28 10.80 5.36 9.14
N GLY A 29 11.32 4.46 8.28
CA GLY A 29 12.55 3.74 8.63
C GLY A 29 12.96 2.68 7.64
N GLY A 30 12.02 1.90 7.05
CA GLY A 30 12.40 0.83 6.15
C GLY A 30 12.81 -0.36 6.98
N PRO A 31 13.84 -1.17 6.65
CA PRO A 31 14.26 -2.18 7.61
C PRO A 31 14.46 -1.61 9.01
N SER A 32 14.96 -0.36 9.13
CA SER A 32 15.09 0.24 10.46
C SER A 32 13.76 0.34 11.18
N SER A 33 12.63 0.49 10.46
CA SER A 33 11.33 0.51 11.15
C SER A 33 11.10 -0.79 11.88
N GLY A 34 11.67 -1.94 11.45
CA GLY A 34 11.47 -3.19 12.18
C GLY A 34 10.25 -3.92 11.66
N ALA A 35 9.08 -3.24 11.60
CA ALA A 35 7.89 -3.89 11.04
C ALA A 35 8.18 -4.50 9.68
N PRO A 36 7.55 -5.61 9.23
CA PRO A 36 7.91 -6.14 7.92
C PRO A 36 7.44 -5.21 6.83
N PRO A 37 7.96 -5.26 5.58
CA PRO A 37 7.53 -4.29 4.59
C PRO A 37 6.09 -4.47 4.19
N PRO A 38 5.19 -3.44 4.21
CA PRO A 38 3.87 -3.59 3.59
C PRO A 38 3.98 -4.11 2.16
N SER A 39 3.99 -5.44 1.99
CA SER A 39 4.19 -6.02 0.65
C SER A 39 3.68 -7.44 0.61
N HIS A 1 -24.54 -8.14 -12.28
CA HIS A 1 -24.31 -8.19 -13.76
C HIS A 1 -23.82 -6.83 -14.20
N GLN A 3 -21.11 -3.62 -14.70
CA GLN A 3 -20.07 -3.16 -13.78
C GLN A 3 -18.80 -3.97 -13.90
N GLY A 4 -18.28 -4.16 -15.13
CA GLY A 4 -17.07 -4.96 -15.32
C GLY A 4 -15.84 -4.40 -14.64
N THR A 5 -14.83 -5.26 -14.40
CA THR A 5 -13.59 -4.84 -13.72
C THR A 5 -13.81 -3.85 -12.59
N PHE A 6 -14.87 -4.02 -11.76
CA PHE A 6 -15.06 -3.13 -10.62
C PHE A 6 -13.87 -3.20 -9.69
N THR A 7 -13.34 -4.40 -9.37
CA THR A 7 -12.17 -4.46 -8.49
C THR A 7 -11.05 -3.57 -8.95
N SER A 8 -10.85 -3.26 -10.26
CA SER A 8 -9.69 -2.44 -10.62
C SER A 8 -9.67 -1.12 -9.88
N ASP A 9 -10.82 -0.42 -9.80
CA ASP A 9 -10.86 0.86 -9.07
C ASP A 9 -10.59 0.63 -7.59
N LEU A 10 -11.05 -0.49 -6.99
CA LEU A 10 -10.71 -0.78 -5.59
C LEU A 10 -9.24 -1.09 -5.52
N SER A 11 -8.67 -1.94 -6.42
CA SER A 11 -7.22 -2.18 -6.40
C SER A 11 -6.47 -0.87 -6.37
N LYS A 12 -6.97 0.19 -7.05
CA LYS A 12 -6.29 1.49 -6.97
C LYS A 12 -6.47 2.13 -5.61
N GLN A 13 -7.66 2.03 -4.96
CA GLN A 13 -7.76 2.53 -3.58
C GLN A 13 -6.81 1.73 -2.71
N LYS A 14 -6.72 0.39 -2.91
CA LYS A 14 -5.80 -0.40 -2.09
C LYS A 14 -4.38 0.03 -2.36
N ASP A 15 -4.00 0.24 -3.64
CA ASP A 15 -2.68 0.78 -3.95
C ASP A 15 -2.51 2.09 -3.24
N SER A 16 -3.49 3.00 -3.22
CA SER A 16 -3.27 4.30 -2.58
C SER A 16 -2.87 4.09 -1.14
N ARG A 17 -3.54 3.19 -0.38
CA ARG A 17 -3.16 2.96 1.00
C ARG A 17 -1.91 2.12 1.14
N ARG A 18 -1.79 1.00 0.41
CA ARG A 18 -0.61 0.13 0.53
C ARG A 18 0.62 0.83 0.02
N ALA A 19 0.52 1.57 -1.11
CA ALA A 19 1.64 2.39 -1.57
C ALA A 19 2.02 3.37 -0.48
N GLN A 20 1.04 4.13 0.09
CA GLN A 20 1.37 5.01 1.20
C GLN A 20 1.95 4.24 2.37
N ASP A 21 1.51 2.99 2.64
CA ASP A 21 2.06 2.22 3.75
C ASP A 21 3.50 1.85 3.43
N PHE A 22 3.79 1.43 2.18
CA PHE A 22 5.19 1.14 1.81
C PHE A 22 6.02 2.39 1.87
N ILE A 23 5.50 3.54 1.37
CA ILE A 23 6.23 4.79 1.50
C ILE A 23 6.38 5.10 2.98
N GLU A 24 5.33 4.88 3.81
CA GLU A 24 5.46 5.11 5.24
C GLU A 24 6.58 4.23 5.74
N TRP A 25 6.58 2.93 5.36
CA TRP A 25 7.60 2.01 5.83
C TRP A 25 8.98 2.53 5.48
N LEU A 26 9.25 2.90 4.20
CA LEU A 26 10.57 3.44 3.86
C LEU A 26 10.82 4.76 4.56
N LYS A 27 9.90 5.74 4.45
CA LYS A 27 10.05 7.01 5.19
C LYS A 27 10.36 6.76 6.65
N ASN A 28 9.73 5.72 7.23
CA ASN A 28 9.89 5.40 8.66
C ASN A 28 11.13 4.57 8.92
N GLY A 29 12.05 4.33 7.97
CA GLY A 29 13.26 3.53 8.24
C GLY A 29 13.44 2.37 7.29
N GLY A 30 12.37 1.89 6.62
CA GLY A 30 12.53 0.71 5.76
C GLY A 30 12.86 -0.46 6.65
N PRO A 31 13.86 -1.33 6.40
CA PRO A 31 14.21 -2.31 7.41
C PRO A 31 14.32 -1.75 8.81
N SER A 32 14.91 -0.55 8.97
CA SER A 32 15.05 0.05 10.28
C SER A 32 13.73 0.48 10.89
N SER A 33 12.61 0.58 10.13
CA SER A 33 11.32 0.88 10.74
C SER A 33 11.02 -0.10 11.86
N GLY A 34 11.47 -1.38 11.74
CA GLY A 34 11.28 -2.35 12.80
C GLY A 34 10.22 -3.36 12.41
N ALA A 35 9.10 -2.90 11.82
CA ALA A 35 8.09 -3.83 11.32
C ALA A 35 8.57 -4.48 10.05
N PRO A 36 8.16 -5.71 9.64
CA PRO A 36 8.52 -6.18 8.31
C PRO A 36 7.78 -5.35 7.29
N PRO A 37 8.13 -5.31 5.98
CA PRO A 37 7.47 -4.35 5.11
C PRO A 37 6.05 -4.73 4.77
N PRO A 38 5.16 -3.79 4.36
CA PRO A 38 3.86 -4.20 3.87
C PRO A 38 4.05 -4.67 2.46
N SER A 39 4.67 -5.85 2.28
CA SER A 39 4.99 -6.35 0.94
C SER A 39 5.39 -7.81 0.96
#